data_7AKW
#
_entry.id   7AKW
#
_cell.length_a   44.405
_cell.length_b   103.396
_cell.length_c   111.381
_cell.angle_alpha   90.000
_cell.angle_beta   90.320
_cell.angle_gamma   90.000
#
_symmetry.space_group_name_H-M   'I 1 2 1'
#
loop_
_entity.id
_entity.type
_entity.pdbx_description
1 polymer 'chimera of viral rhodopsins OLPVR1 and OLPVRII'
2 non-polymer EICOSANE
3 non-polymer RETINAL
4 water water
#
_entity_poly.entity_id   1
_entity_poly.type   'polypeptide(L)'
_entity_poly.pdbx_seq_one_letter_code
;MDNIIMTAYISIFVQIITAIISVYGLFIPLNFKDIILREILILELIVQIIEFIFYIWLIITLQSINEDITYVRYFDWVLT
TPVMLLTTVYFFEYMNSDDGIRKKEINDRDYVYLFYICLSNFFMLLIGYLGETKQINKMLTLFGGSFFLFLTFYLLYVKY
TKENWMNYLVFGAMFLLWALYGFAFMFPFSIKNQMYNILDIFSKNFVSIFFFIVILNQSYKLL
;
_entity_poly.pdbx_strand_id   A,B
#
loop_
_chem_comp.id
_chem_comp.type
_chem_comp.name
_chem_comp.formula
LFA non-polymer EICOSANE 'C20 H42'
RET non-polymer RETINAL 'C20 H28 O'
#
# COMPACT_ATOMS: atom_id res chain seq x y z
N MET A 1 -2.21 21.15 -24.37
CA MET A 1 -3.41 21.14 -23.48
C MET A 1 -4.62 20.58 -24.25
N ASP A 2 -4.85 21.07 -25.47
CA ASP A 2 -5.92 20.58 -26.40
C ASP A 2 -5.67 19.10 -26.72
N ASN A 3 -4.41 18.73 -26.92
CA ASN A 3 -3.97 17.36 -27.30
C ASN A 3 -4.10 16.43 -26.08
N ILE A 4 -3.93 16.96 -24.87
CA ILE A 4 -4.13 16.18 -23.61
C ILE A 4 -5.61 15.79 -23.53
N ILE A 5 -6.49 16.76 -23.73
CA ILE A 5 -7.98 16.56 -23.72
C ILE A 5 -8.34 15.56 -24.84
N MET A 6 -7.80 15.74 -26.04
CA MET A 6 -8.14 14.91 -27.22
C MET A 6 -7.79 13.44 -26.91
N THR A 7 -6.59 13.17 -26.38
CA THR A 7 -6.10 11.81 -26.10
C THR A 7 -6.90 11.23 -24.92
N ALA A 8 -7.33 12.07 -23.98
CA ALA A 8 -8.18 11.67 -22.83
C ALA A 8 -9.53 11.16 -23.35
N TYR A 9 -10.14 11.89 -24.29
CA TYR A 9 -11.42 11.52 -24.95
C TYR A 9 -11.28 10.16 -25.64
N ILE A 10 -10.19 9.99 -26.40
CA ILE A 10 -9.89 8.73 -27.14
C ILE A 10 -9.76 7.59 -26.14
N SER A 11 -9.08 7.84 -25.02
CA SER A 11 -8.84 6.85 -23.94
C SER A 11 -10.17 6.46 -23.30
N ILE A 12 -11.01 7.44 -22.99
CA ILE A 12 -12.35 7.21 -22.35
C ILE A 12 -13.21 6.38 -23.30
N PHE A 13 -13.15 6.65 -24.60
CA PHE A 13 -13.92 5.90 -25.62
C PHE A 13 -13.51 4.42 -25.59
N VAL A 14 -12.20 4.15 -25.66
CA VAL A 14 -11.66 2.76 -25.63
C VAL A 14 -12.06 2.09 -24.31
N GLN A 15 -12.02 2.83 -23.21
CA GLN A 15 -12.40 2.33 -21.85
C GLN A 15 -13.86 1.88 -21.84
N ILE A 16 -14.75 2.65 -22.45
CA ILE A 16 -16.21 2.32 -22.53
C ILE A 16 -16.38 1.00 -23.28
N ILE A 17 -15.77 0.88 -24.46
CA ILE A 17 -15.85 -0.34 -25.34
C ILE A 17 -15.34 -1.54 -24.55
N THR A 18 -14.17 -1.42 -23.93
CA THR A 18 -13.46 -2.52 -23.21
C THR A 18 -14.29 -2.93 -21.99
N ALA A 19 -14.90 -1.95 -21.29
CA ALA A 19 -15.75 -2.19 -20.09
C ALA A 19 -16.95 -3.07 -20.47
N ILE A 20 -17.61 -2.75 -21.59
CA ILE A 20 -18.82 -3.48 -22.09
C ILE A 20 -18.39 -4.92 -22.43
N ILE A 21 -17.34 -5.06 -23.24
CA ILE A 21 -16.77 -6.37 -23.64
C ILE A 21 -16.45 -7.20 -22.38
N SER A 22 -15.83 -6.57 -21.37
CA SER A 22 -15.40 -7.25 -20.12
C SER A 22 -16.62 -7.78 -19.37
N VAL A 23 -17.67 -6.96 -19.23
CA VAL A 23 -18.94 -7.37 -18.54
C VAL A 23 -19.49 -8.61 -19.26
N TYR A 24 -19.53 -8.58 -20.60
CA TYR A 24 -19.97 -9.71 -21.46
C TYR A 24 -19.12 -10.95 -21.13
N GLY A 25 -17.80 -10.76 -21.01
CA GLY A 25 -16.83 -11.84 -20.75
C GLY A 25 -17.12 -12.60 -19.45
N LEU A 26 -17.72 -11.92 -18.46
CA LEU A 26 -18.05 -12.50 -17.14
C LEU A 26 -19.06 -13.64 -17.29
N PHE A 27 -19.88 -13.61 -18.36
CA PHE A 27 -21.03 -14.53 -18.54
C PHE A 27 -20.66 -15.70 -19.45
N ILE A 28 -19.49 -15.63 -20.11
CA ILE A 28 -19.01 -16.70 -21.05
C ILE A 28 -18.70 -17.96 -20.24
N PRO A 29 -19.31 -19.11 -20.61
CA PRO A 29 -19.07 -20.36 -19.90
C PRO A 29 -17.65 -20.89 -20.14
N LEU A 30 -17.00 -21.37 -19.08
CA LEU A 30 -15.61 -21.89 -19.10
C LEU A 30 -15.57 -23.26 -18.43
N ASN A 31 -14.68 -24.14 -18.92
CA ASN A 31 -14.33 -25.43 -18.28
C ASN A 31 -13.68 -25.13 -16.93
N PHE A 32 -13.62 -26.13 -16.04
CA PHE A 32 -13.03 -25.99 -14.68
C PHE A 32 -11.58 -25.51 -14.79
N LYS A 33 -10.86 -25.95 -15.83
CA LYS A 33 -9.42 -25.63 -16.04
C LYS A 33 -9.21 -24.12 -16.27
N ASP A 34 -10.25 -23.41 -16.73
CA ASP A 34 -10.10 -22.07 -17.34
C ASP A 34 -10.72 -20.98 -16.46
N ILE A 35 -11.36 -21.34 -15.35
CA ILE A 35 -12.18 -20.39 -14.53
C ILE A 35 -11.31 -19.23 -14.02
N ILE A 36 -10.01 -19.47 -13.78
CA ILE A 36 -9.08 -18.42 -13.28
C ILE A 36 -9.07 -17.23 -14.26
N LEU A 37 -9.38 -17.46 -15.54
CA LEU A 37 -9.44 -16.39 -16.57
C LEU A 37 -10.55 -15.40 -16.20
N ARG A 38 -11.68 -15.89 -15.69
CA ARG A 38 -12.82 -15.03 -15.27
C ARG A 38 -12.42 -14.29 -13.98
N GLU A 39 -11.73 -14.99 -13.07
CA GLU A 39 -11.20 -14.39 -11.82
C GLU A 39 -10.29 -13.20 -12.18
N ILE A 40 -9.47 -13.35 -13.23
CA ILE A 40 -8.55 -12.31 -13.76
C ILE A 40 -9.36 -11.15 -14.34
N LEU A 41 -10.40 -11.44 -15.13
CA LEU A 41 -11.19 -10.42 -15.88
C LEU A 41 -11.97 -9.55 -14.89
N ILE A 42 -12.40 -10.11 -13.76
CA ILE A 42 -13.12 -9.38 -12.67
C ILE A 42 -12.16 -8.35 -12.06
N LEU A 43 -10.91 -8.73 -11.82
CA LEU A 43 -9.88 -7.81 -11.26
C LEU A 43 -9.57 -6.71 -12.27
N GLU A 44 -9.51 -7.05 -13.57
CA GLU A 44 -9.28 -6.08 -14.68
C GLU A 44 -10.45 -5.07 -14.71
N LEU A 45 -11.68 -5.55 -14.54
CA LEU A 45 -12.89 -4.68 -14.46
C LEU A 45 -12.72 -3.68 -13.31
N ILE A 46 -12.24 -4.14 -12.15
CA ILE A 46 -12.02 -3.29 -10.96
C ILE A 46 -10.97 -2.21 -11.31
N VAL A 47 -9.89 -2.60 -11.98
CA VAL A 47 -8.85 -1.68 -12.52
C VAL A 47 -9.52 -0.63 -13.42
N GLN A 48 -10.34 -1.09 -14.36
N GLN A 48 -10.36 -1.08 -14.35
CA GLN A 48 -11.07 -0.22 -15.34
CA GLN A 48 -11.05 -0.22 -15.35
C GLN A 48 -11.92 0.81 -14.59
C GLN A 48 -11.95 0.80 -14.62
N ILE A 49 -12.62 0.39 -13.54
CA ILE A 49 -13.54 1.28 -12.76
C ILE A 49 -12.71 2.44 -12.17
N ILE A 50 -11.59 2.13 -11.54
CA ILE A 50 -10.69 3.14 -10.92
C ILE A 50 -10.14 4.05 -12.02
N GLU A 51 -9.67 3.48 -13.13
CA GLU A 51 -9.14 4.22 -14.30
C GLU A 51 -10.23 5.17 -14.83
N PHE A 52 -11.45 4.67 -15.02
CA PHE A 52 -12.59 5.46 -15.54
C PHE A 52 -12.84 6.68 -14.65
N ILE A 53 -12.91 6.46 -13.33
CA ILE A 53 -13.12 7.53 -12.32
C ILE A 53 -12.03 8.60 -12.49
N PHE A 54 -10.75 8.22 -12.59
CA PHE A 54 -9.64 9.20 -12.75
C PHE A 54 -9.84 10.02 -14.04
N TYR A 55 -10.19 9.36 -15.14
CA TYR A 55 -10.29 10.00 -16.49
C TYR A 55 -11.52 10.93 -16.52
N ILE A 56 -12.60 10.60 -15.83
CA ILE A 56 -13.78 11.51 -15.67
C ILE A 56 -13.30 12.76 -14.92
N TRP A 57 -12.60 12.56 -13.80
CA TRP A 57 -11.99 13.65 -13.00
C TRP A 57 -11.08 14.49 -13.89
N LEU A 58 -10.26 13.86 -14.72
CA LEU A 58 -9.27 14.54 -15.59
C LEU A 58 -10.00 15.49 -16.56
N ILE A 59 -10.96 14.97 -17.32
CA ILE A 59 -11.64 15.74 -18.41
C ILE A 59 -12.40 16.92 -17.80
N ILE A 60 -12.92 16.78 -16.58
CA ILE A 60 -13.60 17.86 -15.82
C ILE A 60 -12.55 18.90 -15.39
N THR A 61 -11.45 18.44 -14.78
CA THR A 61 -10.33 19.29 -14.27
C THR A 61 -9.67 20.08 -15.41
N LEU A 62 -9.43 19.44 -16.56
CA LEU A 62 -8.71 20.05 -17.71
C LEU A 62 -9.48 21.28 -18.21
N GLN A 63 -10.83 21.24 -18.12
CA GLN A 63 -11.72 22.36 -18.54
C GLN A 63 -11.22 23.66 -17.92
N SER A 64 -10.57 23.58 -16.75
CA SER A 64 -9.96 24.73 -16.02
C SER A 64 -8.65 24.29 -15.35
N ILE A 65 -7.66 23.87 -16.14
CA ILE A 65 -6.32 23.39 -15.67
C ILE A 65 -5.44 24.62 -15.38
N ASN A 66 -5.18 24.89 -14.10
CA ASN A 66 -4.36 26.04 -13.64
C ASN A 66 -3.09 25.51 -12.96
N GLU A 67 -2.74 24.23 -13.17
CA GLU A 67 -1.54 23.60 -12.56
C GLU A 67 -1.24 22.23 -13.20
N ASP A 68 0.02 21.80 -13.10
CA ASP A 68 0.51 20.47 -13.53
C ASP A 68 -0.13 19.40 -12.62
N ILE A 69 -1.15 18.69 -13.13
CA ILE A 69 -1.98 17.73 -12.34
C ILE A 69 -1.52 16.29 -12.60
N THR A 70 -0.35 16.10 -13.20
CA THR A 70 0.22 14.76 -13.55
C THR A 70 0.24 13.87 -12.30
N TYR A 71 0.61 14.43 -11.15
CA TYR A 71 0.81 13.70 -9.87
C TYR A 71 -0.47 12.95 -9.48
N VAL A 72 -1.64 13.41 -9.93
CA VAL A 72 -2.96 12.85 -9.52
C VAL A 72 -3.13 11.44 -10.10
N ARG A 73 -2.42 11.13 -11.19
CA ARG A 73 -2.44 9.78 -11.83
C ARG A 73 -2.04 8.71 -10.79
N TYR A 74 -1.20 9.07 -9.83
CA TYR A 74 -0.60 8.15 -8.83
C TYR A 74 -1.67 7.61 -7.87
N PHE A 75 -2.76 8.35 -7.66
CA PHE A 75 -3.90 7.91 -6.82
C PHE A 75 -4.57 6.71 -7.49
N ASP A 76 -4.56 6.70 -8.83
CA ASP A 76 -5.02 5.57 -9.68
C ASP A 76 -3.97 4.46 -9.63
N TRP A 77 -2.74 4.76 -10.03
CA TRP A 77 -1.63 3.76 -10.15
C TRP A 77 -1.45 3.01 -8.83
N VAL A 78 -1.49 3.70 -7.69
CA VAL A 78 -1.21 3.09 -6.36
C VAL A 78 -2.22 1.96 -6.10
N LEU A 79 -3.42 2.02 -6.69
CA LEU A 79 -4.50 1.01 -6.51
C LEU A 79 -4.49 0.00 -7.65
N THR A 80 -4.27 0.43 -8.89
CA THR A 80 -4.48 -0.44 -10.09
C THR A 80 -3.24 -1.30 -10.36
N THR A 81 -2.02 -0.77 -10.21
CA THR A 81 -0.78 -1.46 -10.67
C THR A 81 -0.53 -2.73 -9.85
N PRO A 82 -0.72 -2.74 -8.51
CA PRO A 82 -0.60 -3.98 -7.73
C PRO A 82 -1.57 -5.08 -8.21
N VAL A 83 -2.82 -4.70 -8.50
CA VAL A 83 -3.85 -5.64 -9.03
C VAL A 83 -3.37 -6.22 -10.36
N MET A 84 -2.80 -5.36 -11.22
CA MET A 84 -2.32 -5.74 -12.58
C MET A 84 -1.15 -6.72 -12.45
N LEU A 85 -0.28 -6.52 -11.45
CA LEU A 85 0.87 -7.45 -11.20
C LEU A 85 0.33 -8.81 -10.76
N LEU A 86 -0.72 -8.83 -9.94
CA LEU A 86 -1.38 -10.08 -9.46
C LEU A 86 -2.00 -10.83 -10.65
N THR A 87 -2.74 -10.14 -11.54
CA THR A 87 -3.39 -10.76 -12.72
C THR A 87 -2.32 -11.42 -13.59
N THR A 88 -1.15 -10.79 -13.70
CA THR A 88 0.01 -11.32 -14.47
C THR A 88 0.48 -12.63 -13.84
N VAL A 89 0.61 -12.67 -12.51
CA VAL A 89 1.00 -13.89 -11.72
C VAL A 89 -0.02 -15.00 -11.99
N TYR A 90 -1.31 -14.69 -11.87
CA TYR A 90 -2.44 -15.62 -12.09
C TYR A 90 -2.36 -16.21 -13.50
N PHE A 91 -2.11 -15.37 -14.51
CA PHE A 91 -2.05 -15.80 -15.93
C PHE A 91 -0.83 -16.72 -16.14
N PHE A 92 0.34 -16.34 -15.61
CA PHE A 92 1.60 -17.15 -15.68
C PHE A 92 1.35 -18.52 -15.07
N GLU A 93 0.68 -18.57 -13.91
CA GLU A 93 0.37 -19.83 -13.18
C GLU A 93 -0.65 -20.65 -13.99
N TYR A 94 -1.62 -19.99 -14.62
CA TYR A 94 -2.63 -20.64 -15.49
C TYR A 94 -1.92 -21.36 -16.64
N MET A 95 -0.94 -20.70 -17.26
CA MET A 95 -0.14 -21.24 -18.39
C MET A 95 0.74 -22.39 -17.90
N ASN A 96 1.13 -22.41 -16.62
CA ASN A 96 2.14 -23.36 -16.07
C ASN A 96 1.45 -24.61 -15.51
N SER A 97 0.12 -24.61 -15.42
CA SER A 97 -0.68 -25.62 -14.65
C SER A 97 -1.48 -26.53 -15.59
N ASP A 98 -1.58 -27.81 -15.22
CA ASP A 98 -2.33 -28.87 -15.96
C ASP A 98 -3.77 -28.91 -15.46
N ASP A 99 -3.97 -28.80 -14.14
CA ASP A 99 -5.30 -28.80 -13.48
C ASP A 99 -5.70 -27.36 -13.19
N GLY A 100 -7.01 -27.06 -13.27
CA GLY A 100 -7.57 -25.69 -13.26
C GLY A 100 -7.33 -24.97 -11.94
N ILE A 101 -6.08 -24.59 -11.66
CA ILE A 101 -5.69 -23.80 -10.46
C ILE A 101 -6.50 -22.49 -10.44
N ARG A 102 -6.88 -22.03 -9.25
CA ARG A 102 -7.66 -20.78 -9.04
C ARG A 102 -6.79 -19.82 -8.20
N LYS A 103 -7.14 -18.53 -8.16
CA LYS A 103 -6.27 -17.49 -7.55
C LYS A 103 -6.17 -17.73 -6.03
N LYS A 104 -7.23 -18.27 -5.40
CA LYS A 104 -7.26 -18.54 -3.94
C LYS A 104 -6.09 -19.46 -3.54
N GLU A 105 -5.83 -20.52 -4.31
CA GLU A 105 -4.74 -21.47 -3.99
C GLU A 105 -3.38 -20.79 -4.20
N ILE A 106 -3.27 -19.91 -5.20
CA ILE A 106 -2.03 -19.12 -5.46
C ILE A 106 -1.82 -18.16 -4.29
N ASN A 107 -2.88 -17.44 -3.90
CA ASN A 107 -2.87 -16.45 -2.79
C ASN A 107 -2.45 -17.14 -1.49
N ASP A 108 -3.13 -18.24 -1.11
CA ASP A 108 -2.89 -18.99 0.15
C ASP A 108 -1.41 -19.40 0.22
N ARG A 109 -0.84 -19.81 -0.91
CA ARG A 109 0.54 -20.37 -0.98
C ARG A 109 1.58 -19.25 -1.00
N ASP A 110 1.34 -18.17 -1.77
CA ASP A 110 2.41 -17.23 -2.20
C ASP A 110 2.21 -15.82 -1.65
N TYR A 111 1.22 -15.60 -0.78
CA TYR A 111 0.80 -14.25 -0.33
C TYR A 111 2.03 -13.44 0.10
N VAL A 112 3.04 -14.09 0.72
CA VAL A 112 4.24 -13.37 1.24
C VAL A 112 5.02 -12.80 0.05
N TYR A 113 5.28 -13.63 -0.95
CA TYR A 113 6.00 -13.24 -2.20
C TYR A 113 5.19 -12.17 -2.95
N LEU A 114 3.88 -12.37 -3.05
CA LEU A 114 2.96 -11.41 -3.72
C LEU A 114 3.11 -10.04 -3.03
N PHE A 115 3.11 -10.03 -1.70
CA PHE A 115 3.29 -8.80 -0.88
C PHE A 115 4.59 -8.09 -1.28
N TYR A 116 5.69 -8.83 -1.43
CA TYR A 116 7.03 -8.25 -1.72
C TYR A 116 7.04 -7.70 -3.16
N ILE A 117 6.37 -8.37 -4.09
CA ILE A 117 6.19 -7.85 -5.48
C ILE A 117 5.50 -6.48 -5.39
N CYS A 118 4.40 -6.40 -4.66
CA CYS A 118 3.56 -5.17 -4.54
C CYS A 118 4.31 -4.10 -3.73
N LEU A 119 5.10 -4.49 -2.72
CA LEU A 119 5.91 -3.54 -1.91
C LEU A 119 6.97 -2.88 -2.78
N SER A 120 7.70 -3.67 -3.57
CA SER A 120 8.69 -3.15 -4.57
C SER A 120 7.99 -2.13 -5.46
N ASN A 121 6.83 -2.49 -6.01
CA ASN A 121 6.02 -1.63 -6.92
C ASN A 121 5.64 -0.33 -6.19
N PHE A 122 5.22 -0.42 -4.93
CA PHE A 122 4.81 0.75 -4.12
C PHE A 122 5.98 1.75 -4.04
N PHE A 123 7.19 1.26 -3.78
CA PHE A 123 8.40 2.10 -3.62
C PHE A 123 8.72 2.81 -4.95
N MET A 124 8.57 2.09 -6.08
CA MET A 124 8.68 2.69 -7.44
C MET A 124 7.75 3.91 -7.54
N LEU A 125 6.48 3.72 -7.19
CA LEU A 125 5.42 4.76 -7.27
C LEU A 125 5.72 5.91 -6.29
N LEU A 126 6.12 5.58 -5.05
CA LEU A 126 6.46 6.58 -4.01
C LEU A 126 7.61 7.48 -4.53
N ILE A 127 8.68 6.88 -5.05
CA ILE A 127 9.84 7.64 -5.58
C ILE A 127 9.37 8.46 -6.80
N GLY A 128 8.63 7.82 -7.71
CA GLY A 128 8.03 8.51 -8.87
C GLY A 128 7.22 9.73 -8.42
N TYR A 129 6.35 9.55 -7.42
CA TYR A 129 5.49 10.64 -6.87
C TYR A 129 6.36 11.80 -6.37
N LEU A 130 7.42 11.49 -5.60
CA LEU A 130 8.36 12.50 -5.05
C LEU A 130 8.94 13.31 -6.21
N GLY A 131 9.35 12.62 -7.28
CA GLY A 131 9.90 13.25 -8.50
C GLY A 131 8.87 14.10 -9.21
N GLU A 132 7.64 13.59 -9.36
CA GLU A 132 6.57 14.25 -10.16
C GLU A 132 6.14 15.54 -9.44
N THR A 133 6.11 15.55 -8.11
CA THR A 133 5.75 16.72 -7.27
C THR A 133 6.99 17.57 -6.98
N LYS A 134 8.13 17.20 -7.57
CA LYS A 134 9.39 18.01 -7.58
C LYS A 134 9.96 18.15 -6.16
N GLN A 135 9.79 17.12 -5.32
CA GLN A 135 10.40 17.05 -3.97
C GLN A 135 11.83 16.49 -4.10
N ILE A 136 12.11 15.74 -5.17
CA ILE A 136 13.48 15.25 -5.53
C ILE A 136 13.69 15.47 -7.02
N ASN A 137 14.95 15.59 -7.47
CA ASN A 137 15.33 15.87 -8.88
C ASN A 137 14.93 14.68 -9.75
N LYS A 138 14.78 14.91 -11.06
CA LYS A 138 14.29 13.92 -12.05
C LYS A 138 15.25 12.72 -12.13
N MET A 139 16.55 12.98 -12.04
CA MET A 139 17.61 11.94 -12.23
C MET A 139 17.57 10.96 -11.06
N LEU A 140 17.35 11.44 -9.83
CA LEU A 140 17.21 10.59 -8.63
C LEU A 140 15.91 9.77 -8.74
N THR A 141 14.86 10.36 -9.31
CA THR A 141 13.54 9.71 -9.52
C THR A 141 13.71 8.53 -10.47
N LEU A 142 14.26 8.79 -11.67
CA LEU A 142 14.53 7.79 -12.72
C LEU A 142 15.33 6.64 -12.13
N PHE A 143 16.41 6.95 -11.41
CA PHE A 143 17.33 5.95 -10.80
C PHE A 143 16.57 5.07 -9.82
N GLY A 144 15.93 5.67 -8.83
CA GLY A 144 15.16 4.97 -7.78
C GLY A 144 13.98 4.21 -8.37
N GLY A 145 13.19 4.87 -9.22
CA GLY A 145 11.99 4.29 -9.86
C GLY A 145 12.36 3.10 -10.74
N SER A 146 13.45 3.22 -11.50
CA SER A 146 13.97 2.18 -12.43
C SER A 146 14.39 0.95 -11.63
N PHE A 147 15.10 1.18 -10.51
CA PHE A 147 15.61 0.10 -9.62
C PHE A 147 14.44 -0.78 -9.17
N PHE A 148 13.37 -0.17 -8.67
CA PHE A 148 12.19 -0.89 -8.12
C PHE A 148 11.38 -1.50 -9.28
N LEU A 149 11.29 -0.83 -10.43
CA LEU A 149 10.69 -1.46 -11.64
C LEU A 149 11.43 -2.76 -11.93
N PHE A 150 12.76 -2.72 -12.01
CA PHE A 150 13.62 -3.91 -12.27
C PHE A 150 13.39 -4.95 -11.17
N LEU A 151 13.36 -4.53 -9.91
CA LEU A 151 13.16 -5.44 -8.75
C LEU A 151 11.80 -6.14 -8.88
N THR A 152 10.74 -5.37 -9.15
CA THR A 152 9.37 -5.91 -9.30
C THR A 152 9.34 -7.01 -10.37
N PHE A 153 9.88 -6.73 -11.56
CA PHE A 153 9.81 -7.64 -12.74
C PHE A 153 10.74 -8.83 -12.54
N TYR A 154 11.89 -8.64 -11.90
CA TYR A 154 12.81 -9.74 -11.52
C TYR A 154 12.07 -10.73 -10.60
N LEU A 155 11.41 -10.23 -9.57
CA LEU A 155 10.65 -11.04 -8.59
C LEU A 155 9.60 -11.86 -9.36
N LEU A 156 8.89 -11.22 -10.29
CA LEU A 156 7.85 -11.85 -11.13
C LEU A 156 8.49 -12.93 -12.02
N TYR A 157 9.63 -12.62 -12.65
CA TYR A 157 10.34 -13.50 -13.61
C TYR A 157 10.74 -14.81 -12.93
N VAL A 158 11.53 -14.74 -11.85
CA VAL A 158 12.26 -15.90 -11.26
C VAL A 158 11.26 -16.89 -10.65
N LYS A 159 10.10 -16.42 -10.21
CA LYS A 159 9.12 -17.25 -9.48
C LYS A 159 8.11 -17.86 -10.46
N TYR A 160 7.68 -17.13 -11.50
CA TYR A 160 6.39 -17.42 -12.19
C TYR A 160 6.54 -17.72 -13.69
N THR A 161 7.64 -17.32 -14.35
CA THR A 161 7.82 -17.62 -15.81
C THR A 161 8.00 -19.12 -16.02
N LYS A 162 8.76 -19.79 -15.13
CA LYS A 162 8.97 -21.26 -15.12
C LYS A 162 9.24 -21.77 -16.55
N GLU A 163 10.14 -21.10 -17.26
CA GLU A 163 10.71 -21.56 -18.57
C GLU A 163 9.59 -21.77 -19.59
N ASN A 164 8.46 -21.07 -19.42
CA ASN A 164 7.32 -21.09 -20.38
C ASN A 164 7.50 -19.92 -21.36
N TRP A 165 7.71 -20.22 -22.64
N TRP A 165 7.74 -20.23 -22.64
CA TRP A 165 8.08 -19.24 -23.70
CA TRP A 165 8.07 -19.26 -23.71
C TRP A 165 6.92 -18.27 -23.95
C TRP A 165 6.92 -18.27 -23.89
N MET A 166 5.68 -18.72 -23.68
CA MET A 166 4.47 -17.87 -23.75
C MET A 166 4.55 -16.82 -22.64
N ASN A 167 4.96 -17.25 -21.43
CA ASN A 167 5.13 -16.37 -20.25
C ASN A 167 6.24 -15.36 -20.53
N TYR A 168 7.28 -15.78 -21.26
CA TYR A 168 8.46 -14.95 -21.61
C TYR A 168 8.03 -13.79 -22.51
N LEU A 169 7.24 -14.11 -23.54
CA LEU A 169 6.71 -13.14 -24.54
C LEU A 169 5.82 -12.10 -23.83
N VAL A 170 4.87 -12.55 -23.02
CA VAL A 170 3.97 -11.64 -22.25
C VAL A 170 4.84 -10.80 -21.31
N PHE A 171 5.84 -11.40 -20.68
CA PHE A 171 6.73 -10.72 -19.70
C PHE A 171 7.46 -9.56 -20.38
N GLY A 172 8.07 -9.83 -21.54
CA GLY A 172 8.88 -8.85 -22.29
C GLY A 172 8.04 -7.68 -22.77
N ALA A 173 6.85 -7.95 -23.31
CA ALA A 173 5.88 -6.93 -23.77
C ALA A 173 5.46 -6.05 -22.60
N MET A 174 5.07 -6.67 -21.48
CA MET A 174 4.62 -5.94 -20.26
C MET A 174 5.76 -5.06 -19.73
N PHE A 175 6.97 -5.62 -19.58
CA PHE A 175 8.15 -4.89 -19.07
C PHE A 175 8.41 -3.65 -19.93
N LEU A 176 8.42 -3.79 -21.26
CA LEU A 176 8.67 -2.67 -22.20
C LEU A 176 7.60 -1.59 -21.99
N LEU A 177 6.32 -2.00 -21.91
CA LEU A 177 5.17 -1.08 -21.76
C LEU A 177 5.33 -0.27 -20.47
N TRP A 178 5.58 -0.95 -19.34
CA TRP A 178 5.74 -0.29 -18.01
C TRP A 178 6.94 0.65 -18.04
N ALA A 179 8.03 0.25 -18.71
CA ALA A 179 9.28 1.04 -18.81
C ALA A 179 8.99 2.39 -19.48
N LEU A 180 8.06 2.42 -20.43
CA LEU A 180 7.71 3.62 -21.22
C LEU A 180 7.00 4.66 -20.33
N TYR A 181 6.40 4.23 -19.21
CA TYR A 181 5.86 5.13 -18.16
C TYR A 181 7.03 5.93 -17.57
N GLY A 182 8.16 5.24 -17.38
CA GLY A 182 9.42 5.85 -16.90
C GLY A 182 9.97 6.86 -17.87
N PHE A 183 9.95 6.55 -19.17
CA PHE A 183 10.43 7.45 -20.26
C PHE A 183 9.50 8.66 -20.35
N ALA A 184 8.19 8.47 -20.25
CA ALA A 184 7.18 9.54 -20.35
C ALA A 184 7.46 10.62 -19.28
N PHE A 185 7.91 10.19 -18.10
CA PHE A 185 8.20 11.05 -16.92
C PHE A 185 9.23 12.13 -17.29
N MET A 186 10.03 11.90 -18.34
CA MET A 186 11.15 12.79 -18.72
C MET A 186 10.66 13.97 -19.57
N PHE A 187 9.44 13.88 -20.13
CA PHE A 187 8.90 14.85 -21.10
C PHE A 187 8.14 15.96 -20.39
N PRO A 188 7.95 17.12 -21.06
CA PRO A 188 7.18 18.23 -20.50
C PRO A 188 5.70 17.86 -20.30
N PHE A 189 5.01 18.63 -19.46
CA PHE A 189 3.60 18.41 -19.02
C PHE A 189 2.75 17.78 -20.13
N SER A 190 2.60 18.49 -21.25
CA SER A 190 1.62 18.20 -22.34
C SER A 190 1.92 16.83 -22.97
N ILE A 191 3.15 16.62 -23.41
CA ILE A 191 3.61 15.37 -24.09
C ILE A 191 3.48 14.19 -23.13
N LYS A 192 3.97 14.36 -21.90
CA LYS A 192 3.97 13.32 -20.83
C LYS A 192 2.55 12.84 -20.59
N ASN A 193 1.58 13.76 -20.52
CA ASN A 193 0.18 13.44 -20.14
C ASN A 193 -0.54 12.79 -21.34
N GLN A 194 -0.19 13.20 -22.56
CA GLN A 194 -0.69 12.56 -23.82
C GLN A 194 -0.20 11.11 -23.84
N MET A 195 1.08 10.90 -23.51
CA MET A 195 1.72 9.56 -23.48
C MET A 195 0.98 8.67 -22.47
N TYR A 196 0.76 9.15 -21.24
CA TYR A 196 0.09 8.38 -20.15
C TYR A 196 -1.34 8.04 -20.59
N ASN A 197 -2.04 8.99 -21.21
CA ASN A 197 -3.44 8.81 -21.70
C ASN A 197 -3.49 7.60 -22.65
N ILE A 198 -2.50 7.43 -23.51
CA ILE A 198 -2.49 6.37 -24.57
C ILE A 198 -1.84 5.10 -24.02
N LEU A 199 -0.80 5.23 -23.19
CA LEU A 199 -0.13 4.05 -22.57
C LEU A 199 -1.16 3.26 -21.75
N ASP A 200 -2.07 3.96 -21.05
CA ASP A 200 -3.14 3.36 -20.20
C ASP A 200 -4.04 2.45 -21.05
N ILE A 201 -4.30 2.84 -22.31
CA ILE A 201 -5.10 2.02 -23.28
C ILE A 201 -4.43 0.66 -23.45
N PHE A 202 -3.11 0.63 -23.58
CA PHE A 202 -2.32 -0.61 -23.85
C PHE A 202 -2.21 -1.45 -22.57
N SER A 203 -1.87 -0.82 -21.43
CA SER A 203 -1.49 -1.50 -20.17
C SER A 203 -2.73 -2.05 -19.47
N LYS A 204 -3.87 -1.36 -19.61
CA LYS A 204 -5.09 -1.77 -18.94
C LYS A 204 -6.12 -2.36 -19.90
N ASN A 205 -6.55 -1.56 -20.89
CA ASN A 205 -7.73 -1.88 -21.68
C ASN A 205 -7.43 -2.98 -22.70
N PHE A 206 -6.33 -2.88 -23.45
CA PHE A 206 -5.94 -3.89 -24.47
C PHE A 206 -5.63 -5.22 -23.78
N VAL A 207 -5.12 -5.17 -22.55
CA VAL A 207 -4.82 -6.38 -21.73
C VAL A 207 -6.15 -7.06 -21.36
N SER A 208 -7.18 -6.28 -21.06
CA SER A 208 -8.55 -6.79 -20.79
C SER A 208 -9.09 -7.50 -22.03
N ILE A 209 -8.88 -6.91 -23.21
CA ILE A 209 -9.35 -7.49 -24.52
C ILE A 209 -8.63 -8.82 -24.74
N PHE A 210 -7.33 -8.89 -24.46
CA PHE A 210 -6.51 -10.13 -24.59
C PHE A 210 -7.17 -11.24 -23.76
N PHE A 211 -7.47 -10.96 -22.49
CA PHE A 211 -8.09 -11.94 -21.56
C PHE A 211 -9.46 -12.35 -22.10
N PHE A 212 -10.23 -11.39 -22.62
CA PHE A 212 -11.57 -11.64 -23.22
C PHE A 212 -11.44 -12.62 -24.39
N ILE A 213 -10.45 -12.42 -25.25
CA ILE A 213 -10.25 -13.25 -26.48
C ILE A 213 -9.85 -14.67 -26.06
N VAL A 214 -8.97 -14.80 -25.06
CA VAL A 214 -8.51 -16.11 -24.53
C VAL A 214 -9.71 -16.84 -23.92
N ILE A 215 -10.55 -16.12 -23.17
CA ILE A 215 -11.81 -16.64 -22.56
C ILE A 215 -12.73 -17.15 -23.67
N LEU A 216 -12.96 -16.34 -24.70
CA LEU A 216 -13.77 -16.68 -25.89
C LEU A 216 -13.22 -17.95 -26.53
N ASN A 217 -11.90 -18.01 -26.75
CA ASN A 217 -11.23 -19.16 -27.41
C ASN A 217 -11.40 -20.41 -26.56
N GLN A 218 -11.23 -20.30 -25.23
CA GLN A 218 -11.34 -21.45 -24.29
C GLN A 218 -12.80 -21.90 -24.20
N SER A 219 -13.75 -20.97 -24.27
CA SER A 219 -15.22 -21.24 -24.23
C SER A 219 -15.64 -22.04 -25.47
N TYR A 220 -15.16 -21.65 -26.66
CA TYR A 220 -15.43 -22.33 -27.95
C TYR A 220 -14.93 -23.78 -27.89
N LYS A 221 -13.69 -23.97 -27.45
CA LYS A 221 -13.06 -25.31 -27.29
C LYS A 221 -13.98 -26.18 -26.44
N LEU A 222 -14.38 -25.68 -25.27
CA LEU A 222 -15.30 -26.36 -24.32
C LEU A 222 -16.49 -26.92 -25.11
N LEU A 223 -17.23 -26.04 -25.79
CA LEU A 223 -18.42 -26.37 -26.60
C LEU A 223 -17.99 -26.70 -28.04
N ASP B 2 10.69 26.66 17.06
CA ASP B 2 10.69 26.94 18.52
C ASP B 2 10.25 25.68 19.28
N ASN B 3 8.95 25.53 19.53
CA ASN B 3 8.35 24.39 20.27
C ASN B 3 8.43 23.11 19.41
N ILE B 4 8.45 23.25 18.08
CA ILE B 4 8.52 22.11 17.12
C ILE B 4 9.87 21.42 17.29
N ILE B 5 10.95 22.21 17.35
CA ILE B 5 12.36 21.73 17.48
C ILE B 5 12.53 21.07 18.86
N MET B 6 12.02 21.73 19.91
CA MET B 6 12.08 21.29 21.33
C MET B 6 11.34 19.94 21.46
N THR B 7 10.10 19.87 20.95
CA THR B 7 9.25 18.65 20.96
C THR B 7 9.94 17.54 20.17
N ALA B 8 10.66 17.91 19.10
CA ALA B 8 11.32 16.99 18.15
C ALA B 8 12.54 16.33 18.81
N TYR B 9 13.27 17.08 19.64
CA TYR B 9 14.46 16.59 20.38
C TYR B 9 14.01 15.67 21.51
N ILE B 10 12.95 16.05 22.23
CA ILE B 10 12.33 15.21 23.30
C ILE B 10 11.91 13.87 22.69
N SER B 11 11.24 13.92 21.53
CA SER B 11 10.79 12.73 20.75
C SER B 11 11.99 11.85 20.41
N ILE B 12 13.03 12.44 19.81
CA ILE B 12 14.28 11.74 19.39
C ILE B 12 14.95 11.10 20.62
N PHE B 13 14.99 11.82 21.75
CA PHE B 13 15.56 11.31 23.03
C PHE B 13 14.86 10.01 23.43
N VAL B 14 13.53 10.01 23.48
CA VAL B 14 12.72 8.84 23.93
C VAL B 14 12.83 7.72 22.88
N GLN B 15 12.99 8.06 21.60
CA GLN B 15 13.17 7.09 20.50
C GLN B 15 14.50 6.35 20.66
N ILE B 16 15.57 7.08 21.00
CA ILE B 16 16.93 6.52 21.18
C ILE B 16 16.91 5.53 22.35
N ILE B 17 16.32 5.96 23.47
CA ILE B 17 16.16 5.15 24.72
C ILE B 17 15.37 3.88 24.41
N THR B 18 14.21 4.01 23.77
N THR B 18 14.20 4.03 23.77
CA THR B 18 13.27 2.91 23.48
CA THR B 18 13.26 2.92 23.47
C THR B 18 13.89 1.97 22.43
C THR B 18 13.89 1.97 22.43
N ALA B 19 14.63 2.51 21.46
CA ALA B 19 15.36 1.71 20.45
C ALA B 19 16.37 0.80 21.15
N ILE B 20 17.13 1.35 22.10
CA ILE B 20 18.18 0.61 22.85
C ILE B 20 17.52 -0.53 23.63
N ILE B 21 16.50 -0.19 24.43
CA ILE B 21 15.72 -1.14 25.27
C ILE B 21 15.13 -2.24 24.38
N SER B 22 14.56 -1.87 23.23
CA SER B 22 13.92 -2.80 22.27
C SER B 22 14.95 -3.81 21.75
N VAL B 23 16.08 -3.34 21.21
CA VAL B 23 17.15 -4.23 20.68
C VAL B 23 17.59 -5.16 21.81
N TYR B 24 17.78 -4.62 23.02
CA TYR B 24 18.15 -5.38 24.24
C TYR B 24 17.08 -6.44 24.50
N GLY B 25 15.82 -6.08 24.32
CA GLY B 25 14.66 -6.96 24.58
C GLY B 25 14.66 -8.19 23.68
N LEU B 26 15.35 -8.12 22.53
CA LEU B 26 15.45 -9.22 21.54
C LEU B 26 16.17 -10.43 22.15
N PHE B 27 16.96 -10.21 23.20
CA PHE B 27 17.90 -11.23 23.76
C PHE B 27 17.41 -11.74 25.10
N ILE B 28 16.37 -11.10 25.66
CA ILE B 28 15.72 -11.57 26.92
C ILE B 28 15.19 -12.98 26.70
N PRO B 29 15.56 -13.96 27.56
CA PRO B 29 15.11 -15.34 27.38
C PRO B 29 13.59 -15.45 27.49
N LEU B 30 12.99 -16.23 26.58
CA LEU B 30 11.51 -16.47 26.52
C LEU B 30 11.24 -17.96 26.37
N ASN B 31 10.18 -18.44 27.01
CA ASN B 31 9.56 -19.75 26.73
C ASN B 31 9.16 -19.78 25.25
N PHE B 32 9.26 -20.94 24.59
CA PHE B 32 9.00 -21.09 23.14
C PHE B 32 7.56 -20.68 22.82
N LYS B 33 6.62 -20.93 23.73
CA LYS B 33 5.18 -20.65 23.51
C LYS B 33 4.92 -19.14 23.52
N ASP B 34 5.90 -18.34 23.97
CA ASP B 34 5.81 -16.86 24.09
C ASP B 34 6.64 -16.18 22.99
N ILE B 35 7.13 -16.96 22.02
CA ILE B 35 8.13 -16.49 21.01
C ILE B 35 7.51 -15.39 20.14
N ILE B 36 6.19 -15.34 20.01
CA ILE B 36 5.49 -14.33 19.17
C ILE B 36 5.80 -12.92 19.72
N LEU B 37 6.10 -12.81 21.01
CA LEU B 37 6.43 -11.52 21.67
C LEU B 37 7.73 -10.96 21.07
N ARG B 38 8.67 -11.83 20.70
CA ARG B 38 9.94 -11.44 20.04
C ARG B 38 9.65 -11.08 18.58
N GLU B 39 8.75 -11.80 17.92
CA GLU B 39 8.29 -11.51 16.53
C GLU B 39 7.67 -10.11 16.51
N ILE B 40 6.92 -9.75 17.55
CA ILE B 40 6.25 -8.42 17.68
C ILE B 40 7.34 -7.34 17.85
N LEU B 41 8.33 -7.61 18.70
CA LEU B 41 9.41 -6.66 19.04
C LEU B 41 10.21 -6.32 17.77
N ILE B 42 10.49 -7.32 16.93
CA ILE B 42 11.22 -7.15 15.64
C ILE B 42 10.45 -6.15 14.77
N LEU B 43 9.12 -6.30 14.70
CA LEU B 43 8.23 -5.44 13.88
C LEU B 43 8.21 -4.02 14.48
N GLU B 44 8.16 -3.90 15.81
CA GLU B 44 8.22 -2.58 16.51
C GLU B 44 9.53 -1.88 16.17
N LEU B 45 10.61 -2.64 16.03
CA LEU B 45 11.98 -2.10 15.77
C LEU B 45 12.05 -1.55 14.35
N ILE B 46 11.38 -2.21 13.40
CA ILE B 46 11.28 -1.74 11.99
C ILE B 46 10.52 -0.40 11.99
N VAL B 47 9.45 -0.32 12.78
CA VAL B 47 8.64 0.93 12.94
C VAL B 47 9.54 2.03 13.51
N GLN B 48 10.28 1.73 14.57
N GLN B 48 10.29 1.71 14.56
CA GLN B 48 11.18 2.69 15.28
CA GLN B 48 11.18 2.65 15.29
C GLN B 48 12.25 3.20 14.30
C GLN B 48 12.26 3.19 14.33
N ILE B 49 12.73 2.35 13.41
CA ILE B 49 13.80 2.70 12.41
C ILE B 49 13.26 3.76 11.45
N ILE B 50 12.09 3.50 10.84
CA ILE B 50 11.41 4.45 9.90
C ILE B 50 11.15 5.75 10.66
N GLU B 51 10.59 5.67 11.86
CA GLU B 51 10.30 6.84 12.74
C GLU B 51 11.59 7.66 12.95
N PHE B 52 12.70 6.99 13.28
CA PHE B 52 14.00 7.64 13.59
C PHE B 52 14.50 8.41 12.36
N ILE B 53 14.50 7.77 11.20
CA ILE B 53 14.98 8.36 9.92
C ILE B 53 14.18 9.64 9.64
N PHE B 54 12.86 9.62 9.83
CA PHE B 54 11.99 10.81 9.63
C PHE B 54 12.41 11.94 10.57
N TYR B 55 12.68 11.62 11.85
CA TYR B 55 12.95 12.63 12.90
C TYR B 55 14.36 13.20 12.74
N ILE B 56 15.32 12.41 12.23
CA ILE B 56 16.65 12.96 11.82
C ILE B 56 16.42 13.95 10.67
N TRP B 57 15.68 13.54 9.64
CA TRP B 57 15.31 14.38 8.48
C TRP B 57 14.67 15.69 8.97
N LEU B 58 13.73 15.59 9.92
CA LEU B 58 12.92 16.75 10.41
C LEU B 58 13.82 17.80 11.08
N ILE B 59 14.67 17.39 12.04
CA ILE B 59 15.48 18.32 12.87
C ILE B 59 16.51 19.04 11.97
N ILE B 60 17.11 18.33 11.02
CA ILE B 60 18.03 18.94 10.02
C ILE B 60 17.24 19.94 9.17
N THR B 61 16.08 19.52 8.64
CA THR B 61 15.18 20.33 7.78
C THR B 61 14.74 21.61 8.50
N LEU B 62 14.35 21.51 9.77
CA LEU B 62 13.80 22.64 10.57
C LEU B 62 14.87 23.73 10.77
N GLN B 63 16.14 23.42 10.47
CA GLN B 63 17.26 24.39 10.56
C GLN B 63 17.00 25.56 9.60
N SER B 64 16.53 25.25 8.39
CA SER B 64 16.16 26.22 7.33
C SER B 64 14.82 25.83 6.70
N ILE B 65 13.73 25.96 7.46
CA ILE B 65 12.34 25.62 7.03
C ILE B 65 11.65 26.89 6.53
N ASN B 66 11.02 26.81 5.36
CA ASN B 66 10.33 27.93 4.68
C ASN B 66 9.00 27.43 4.10
N GLU B 67 8.58 26.21 4.48
CA GLU B 67 7.36 25.56 3.96
C GLU B 67 6.75 24.65 5.04
N ASP B 68 5.43 24.43 4.97
CA ASP B 68 4.70 23.46 5.82
C ASP B 68 5.08 22.04 5.37
N ILE B 69 5.82 21.31 6.21
CA ILE B 69 6.44 19.99 5.88
C ILE B 69 5.65 18.86 6.56
N THR B 70 4.52 19.19 7.19
CA THR B 70 3.64 18.21 7.89
C THR B 70 3.43 16.97 7.01
N TYR B 71 3.16 17.17 5.71
CA TYR B 71 2.75 16.10 4.76
C TYR B 71 3.83 15.02 4.65
N VAL B 72 5.09 15.36 4.95
CA VAL B 72 6.24 14.41 4.88
C VAL B 72 6.05 13.29 5.90
N ARG B 73 5.36 13.57 7.01
CA ARG B 73 5.04 12.56 8.07
C ARG B 73 4.33 11.35 7.44
N TYR B 74 3.55 11.56 6.38
CA TYR B 74 2.73 10.51 5.73
C TYR B 74 3.63 9.44 5.10
N PHE B 75 4.85 9.82 4.71
CA PHE B 75 5.85 8.89 4.11
C PHE B 75 6.30 7.88 5.18
N ASP B 76 6.33 8.32 6.44
CA ASP B 76 6.55 7.46 7.63
C ASP B 76 5.27 6.63 7.87
N TRP B 77 4.13 7.30 8.04
CA TRP B 77 2.85 6.66 8.46
C TRP B 77 2.44 5.55 7.48
N VAL B 78 2.63 5.76 6.18
CA VAL B 78 2.15 4.80 5.14
C VAL B 78 2.92 3.48 5.31
N LEU B 79 4.12 3.53 5.90
CA LEU B 79 4.97 2.34 6.14
C LEU B 79 4.74 1.78 7.54
N THR B 80 4.67 2.64 8.56
CA THR B 80 4.68 2.23 9.99
C THR B 80 3.30 1.75 10.45
N THR B 81 2.21 2.43 10.08
CA THR B 81 0.86 2.18 10.64
C THR B 81 0.38 0.77 10.30
N PRO B 82 0.55 0.28 9.04
CA PRO B 82 0.17 -1.09 8.71
C PRO B 82 0.92 -2.12 9.57
N VAL B 83 2.21 -1.91 9.82
CA VAL B 83 3.06 -2.79 10.68
C VAL B 83 2.51 -2.76 12.10
N MET B 84 2.15 -1.58 12.60
CA MET B 84 1.60 -1.39 13.96
C MET B 84 0.28 -2.16 14.07
N LEU B 85 -0.57 -2.12 13.04
CA LEU B 85 -1.89 -2.82 13.03
C LEU B 85 -1.64 -4.33 13.11
N LEU B 86 -0.67 -4.83 12.33
CA LEU B 86 -0.27 -6.27 12.30
C LEU B 86 0.21 -6.70 13.68
N THR B 87 1.06 -5.89 14.34
CA THR B 87 1.63 -6.20 15.68
C THR B 87 0.48 -6.21 16.71
N THR B 88 -0.52 -5.34 16.56
CA THR B 88 -1.72 -5.32 17.43
C THR B 88 -2.45 -6.66 17.31
N VAL B 89 -2.69 -7.13 16.08
CA VAL B 89 -3.36 -8.43 15.80
C VAL B 89 -2.59 -9.56 16.50
N TYR B 90 -1.27 -9.62 16.29
CA TYR B 90 -0.40 -10.67 16.87
C TYR B 90 -0.50 -10.63 18.40
N PHE B 91 -0.49 -9.42 18.99
CA PHE B 91 -0.56 -9.25 20.46
C PHE B 91 -1.91 -9.75 20.98
N PHE B 92 -3.02 -9.35 20.33
CA PHE B 92 -4.40 -9.78 20.69
C PHE B 92 -4.49 -11.31 20.63
N GLU B 93 -3.99 -11.90 19.55
CA GLU B 93 -3.99 -13.37 19.33
C GLU B 93 -3.18 -14.05 20.44
N TYR B 94 -2.04 -13.45 20.82
CA TYR B 94 -1.19 -13.95 21.92
C TYR B 94 -2.00 -13.97 23.22
N MET B 95 -2.63 -12.84 23.56
CA MET B 95 -3.47 -12.71 24.77
C MET B 95 -4.61 -13.74 24.74
N ASN B 96 -5.15 -14.04 23.56
CA ASN B 96 -6.40 -14.85 23.40
C ASN B 96 -6.05 -16.33 23.25
N SER B 97 -4.79 -16.66 22.94
CA SER B 97 -4.30 -18.05 22.76
C SER B 97 -3.64 -18.54 24.05
N ASP B 98 -3.74 -19.84 24.32
CA ASP B 98 -3.04 -20.52 25.44
C ASP B 98 -2.32 -21.76 24.89
N ASP B 99 -1.96 -21.74 23.60
CA ASP B 99 -1.30 -22.87 22.90
C ASP B 99 -0.10 -22.37 22.09
N GLY B 100 0.48 -21.23 22.48
CA GLY B 100 1.71 -20.68 21.89
C GLY B 100 1.59 -20.45 20.39
N ILE B 101 0.61 -19.64 19.97
CA ILE B 101 0.37 -19.30 18.54
C ILE B 101 1.56 -18.47 18.02
N ARG B 102 1.91 -18.68 16.75
CA ARG B 102 3.02 -17.99 16.03
C ARG B 102 2.42 -17.11 14.94
N LYS B 103 3.14 -16.07 14.51
CA LYS B 103 2.63 -15.08 13.53
C LYS B 103 2.43 -15.76 12.17
N LYS B 104 3.27 -16.74 11.82
CA LYS B 104 3.13 -17.47 10.54
C LYS B 104 1.74 -18.10 10.46
N GLU B 105 1.27 -18.72 11.55
CA GLU B 105 -0.04 -19.41 11.61
C GLU B 105 -1.17 -18.38 11.43
N ILE B 106 -1.03 -17.19 12.02
CA ILE B 106 -2.05 -16.10 11.92
C ILE B 106 -2.08 -15.60 10.47
N ASN B 107 -0.91 -15.33 9.90
CA ASN B 107 -0.75 -14.83 8.51
C ASN B 107 -1.37 -15.82 7.52
N ASP B 108 -0.95 -17.09 7.58
CA ASP B 108 -1.43 -18.15 6.65
C ASP B 108 -2.97 -18.18 6.63
N ARG B 109 -3.58 -17.99 7.81
CA ARG B 109 -5.04 -18.16 8.02
C ARG B 109 -5.79 -16.86 7.69
N ASP B 110 -5.22 -15.69 8.01
CA ASP B 110 -5.99 -14.41 8.05
C ASP B 110 -5.44 -13.37 7.07
N TYR B 111 -4.51 -13.72 6.17
CA TYR B 111 -3.83 -12.72 5.29
C TYR B 111 -4.87 -11.87 4.55
N VAL B 112 -6.02 -12.44 4.16
CA VAL B 112 -7.08 -11.71 3.40
C VAL B 112 -7.69 -10.63 4.30
N TYR B 113 -8.07 -11.00 5.53
CA TYR B 113 -8.66 -10.09 6.54
C TYR B 113 -7.63 -9.01 6.91
N LEU B 114 -6.36 -9.39 7.10
CA LEU B 114 -5.25 -8.46 7.43
C LEU B 114 -5.06 -7.45 6.30
N PHE B 115 -5.15 -7.90 5.04
CA PHE B 115 -5.05 -7.02 3.85
C PHE B 115 -6.17 -5.97 3.93
N TYR B 116 -7.39 -6.38 4.27
CA TYR B 116 -8.58 -5.48 4.31
C TYR B 116 -8.42 -4.44 5.45
N ILE B 117 -7.86 -4.83 6.59
CA ILE B 117 -7.56 -3.88 7.72
C ILE B 117 -6.56 -2.84 7.20
N CYS B 118 -5.53 -3.28 6.47
CA CYS B 118 -4.44 -2.41 5.98
C CYS B 118 -4.95 -1.54 4.82
N LEU B 119 -5.86 -2.06 3.99
CA LEU B 119 -6.47 -1.29 2.87
C LEU B 119 -7.32 -0.16 3.43
N SER B 120 -8.17 -0.44 4.42
CA SER B 120 -8.98 0.59 5.13
C SER B 120 -8.04 1.66 5.68
N ASN B 121 -6.98 1.23 6.37
CA ASN B 121 -5.96 2.12 6.97
C ASN B 121 -5.32 2.98 5.87
N PHE B 122 -5.02 2.38 4.71
CA PHE B 122 -4.39 3.10 3.57
C PHE B 122 -5.32 4.20 3.07
N PHE B 123 -6.61 3.91 2.95
CA PHE B 123 -7.63 4.90 2.47
C PHE B 123 -7.71 6.06 3.48
N MET B 124 -7.62 5.77 4.79
CA MET B 124 -7.57 6.82 5.84
C MET B 124 -6.40 7.77 5.57
N LEU B 125 -5.20 7.23 5.32
CA LEU B 125 -3.96 8.02 5.07
C LEU B 125 -4.08 8.78 3.74
N LEU B 126 -4.59 8.14 2.70
CA LEU B 126 -4.77 8.79 1.37
C LEU B 126 -5.64 10.03 1.55
N ILE B 127 -6.82 9.90 2.16
CA ILE B 127 -7.79 11.03 2.33
C ILE B 127 -7.12 12.09 3.21
N GLY B 128 -6.47 11.66 4.29
CA GLY B 128 -5.73 12.56 5.19
C GLY B 128 -4.67 13.34 4.45
N TYR B 129 -3.94 12.68 3.55
CA TYR B 129 -2.85 13.30 2.74
C TYR B 129 -3.45 14.41 1.86
N LEU B 130 -4.54 14.12 1.16
CA LEU B 130 -5.25 15.08 0.28
C LEU B 130 -5.61 16.33 1.08
N GLY B 131 -6.13 16.15 2.30
CA GLY B 131 -6.47 17.24 3.24
C GLY B 131 -5.24 18.02 3.67
N GLU B 132 -4.19 17.31 4.09
CA GLU B 132 -2.93 17.92 4.61
C GLU B 132 -2.28 18.77 3.52
N THR B 133 -2.32 18.31 2.26
CA THR B 133 -1.74 19.02 1.09
C THR B 133 -2.75 20.04 0.56
N LYS B 134 -3.93 20.12 1.18
CA LYS B 134 -4.98 21.15 0.94
C LYS B 134 -5.58 20.97 -0.45
N GLN B 135 -5.58 19.75 -0.99
CA GLN B 135 -6.19 19.39 -2.29
C GLN B 135 -7.70 19.23 -2.11
N ILE B 136 -8.13 18.96 -0.88
CA ILE B 136 -9.56 18.89 -0.44
C ILE B 136 -9.67 19.61 0.91
N ASN B 137 -10.85 20.13 1.26
CA ASN B 137 -11.06 20.97 2.47
C ASN B 137 -10.92 20.09 3.71
N LYS B 138 -10.66 20.71 4.87
CA LYS B 138 -10.34 20.03 6.15
C LYS B 138 -11.53 19.18 6.60
N MET B 139 -12.76 19.64 6.34
CA MET B 139 -14.00 18.97 6.81
C MET B 139 -14.21 17.65 6.05
N LEU B 140 -14.03 17.64 4.74
CA LEU B 140 -14.10 16.41 3.91
C LEU B 140 -13.05 15.42 4.44
N THR B 141 -11.83 15.91 4.71
CA THR B 141 -10.69 15.09 5.21
C THR B 141 -11.12 14.40 6.50
N LEU B 142 -11.60 15.17 7.46
CA LEU B 142 -11.98 14.70 8.82
C LEU B 142 -13.02 13.58 8.70
N PHE B 143 -14.05 13.80 7.88
CA PHE B 143 -15.17 12.85 7.60
C PHE B 143 -14.62 11.54 7.01
N GLY B 144 -13.91 11.65 5.89
CA GLY B 144 -13.34 10.51 5.15
C GLY B 144 -12.33 9.77 6.00
N GLY B 145 -11.38 10.51 6.58
CA GLY B 145 -10.33 9.95 7.47
C GLY B 145 -10.93 9.25 8.67
N SER B 146 -11.91 9.87 9.31
CA SER B 146 -12.60 9.33 10.52
C SER B 146 -13.32 8.02 10.16
N PHE B 147 -13.98 7.96 9.01
CA PHE B 147 -14.77 6.78 8.57
C PHE B 147 -13.84 5.56 8.46
N PHE B 148 -12.68 5.72 7.82
CA PHE B 148 -11.73 4.60 7.58
C PHE B 148 -11.04 4.24 8.91
N LEU B 149 -10.78 5.21 9.78
CA LEU B 149 -10.25 4.94 11.14
C LEU B 149 -11.21 3.98 11.86
N PHE B 150 -12.50 4.32 11.87
CA PHE B 150 -13.57 3.52 12.51
C PHE B 150 -13.62 2.13 11.86
N LEU B 151 -13.60 2.08 10.53
CA LEU B 151 -13.66 0.81 9.77
C LEU B 151 -12.46 -0.06 10.17
N THR B 152 -11.25 0.50 10.16
CA THR B 152 -9.99 -0.20 10.54
C THR B 152 -10.18 -0.81 11.94
N PHE B 153 -10.56 -0.01 12.92
CA PHE B 153 -10.66 -0.44 14.35
C PHE B 153 -11.86 -1.40 14.53
N TYR B 154 -12.94 -1.21 13.77
CA TYR B 154 -14.09 -2.15 13.77
C TYR B 154 -13.59 -3.54 13.35
N LEU B 155 -12.93 -3.63 12.19
CA LEU B 155 -12.46 -4.92 11.62
C LEU B 155 -11.56 -5.63 12.64
N LEU B 156 -10.65 -4.87 13.27
CA LEU B 156 -9.70 -5.40 14.29
C LEU B 156 -10.52 -5.90 15.49
N TYR B 157 -11.51 -5.13 15.93
CA TYR B 157 -12.34 -5.41 17.13
C TYR B 157 -13.08 -6.74 16.97
N VAL B 158 -13.84 -6.90 15.88
CA VAL B 158 -14.82 -8.02 15.73
C VAL B 158 -14.08 -9.34 15.52
N LYS B 159 -12.86 -9.31 14.98
CA LYS B 159 -12.10 -10.55 14.67
C LYS B 159 -11.24 -10.99 15.87
N TYR B 160 -10.58 -10.06 16.56
CA TYR B 160 -9.39 -10.38 17.39
C TYR B 160 -9.57 -10.02 18.89
N THR B 161 -10.53 -9.17 19.28
CA THR B 161 -10.65 -8.77 20.71
C THR B 161 -11.13 -9.98 21.52
N LYS B 162 -12.00 -10.81 20.94
CA LYS B 162 -12.44 -12.10 21.57
C LYS B 162 -12.67 -11.86 23.07
N GLU B 163 -13.44 -10.82 23.40
CA GLU B 163 -13.95 -10.52 24.77
C GLU B 163 -12.83 -10.68 25.80
N ASN B 164 -11.63 -10.20 25.48
CA ASN B 164 -10.44 -10.25 26.38
C ASN B 164 -10.27 -8.87 27.04
N TRP B 165 -10.39 -8.81 28.37
CA TRP B 165 -10.33 -7.57 29.19
C TRP B 165 -9.05 -6.79 28.87
N MET B 166 -7.91 -7.47 28.73
CA MET B 166 -6.60 -6.85 28.42
C MET B 166 -6.65 -6.29 26.99
N ASN B 167 -7.23 -7.05 26.04
CA ASN B 167 -7.41 -6.63 24.63
C ASN B 167 -8.28 -5.37 24.58
N TYR B 168 -9.34 -5.32 25.40
CA TYR B 168 -10.32 -4.19 25.49
C TYR B 168 -9.62 -2.90 25.96
N LEU B 169 -8.77 -3.01 26.98
CA LEU B 169 -8.00 -1.86 27.53
C LEU B 169 -7.02 -1.38 26.46
N VAL B 170 -6.30 -2.31 25.85
CA VAL B 170 -5.28 -2.05 24.78
C VAL B 170 -6.00 -1.44 23.57
N PHE B 171 -7.12 -2.04 23.15
CA PHE B 171 -7.92 -1.57 21.99
C PHE B 171 -8.34 -0.11 22.20
N GLY B 172 -8.95 0.18 23.35
CA GLY B 172 -9.51 1.51 23.70
C GLY B 172 -8.44 2.59 23.73
N ALA B 173 -7.31 2.29 24.38
CA ALA B 173 -6.14 3.21 24.51
C ALA B 173 -5.54 3.46 23.12
N MET B 174 -5.41 2.42 22.30
CA MET B 174 -4.86 2.54 20.92
C MET B 174 -5.80 3.40 20.08
N PHE B 175 -7.10 3.09 20.08
CA PHE B 175 -8.12 3.79 19.28
C PHE B 175 -8.08 5.29 19.60
N LEU B 176 -8.07 5.64 20.89
CA LEU B 176 -8.03 7.03 21.40
C LEU B 176 -6.76 7.74 20.89
N LEU B 177 -5.60 7.10 21.03
CA LEU B 177 -4.30 7.67 20.60
C LEU B 177 -4.35 8.01 19.11
N TRP B 178 -4.81 7.07 18.28
CA TRP B 178 -4.86 7.23 16.79
C TRP B 178 -5.88 8.32 16.44
N ALA B 179 -7.01 8.39 17.14
CA ALA B 179 -8.07 9.40 16.93
C ALA B 179 -7.48 10.80 17.12
N LEU B 180 -6.54 10.94 18.05
CA LEU B 180 -5.88 12.24 18.39
C LEU B 180 -5.03 12.74 17.22
N TYR B 181 -4.64 11.88 16.29
CA TYR B 181 -3.93 12.28 15.05
C TYR B 181 -4.90 13.09 14.18
N GLY B 182 -6.18 12.66 14.17
CA GLY B 182 -7.28 13.38 13.50
C GLY B 182 -7.53 14.72 14.16
N PHE B 183 -7.46 14.75 15.49
CA PHE B 183 -7.61 15.96 16.33
C PHE B 183 -6.51 16.97 15.98
N ALA B 184 -5.24 16.53 15.99
CA ALA B 184 -4.03 17.35 15.71
C ALA B 184 -4.12 17.94 14.30
N PHE B 185 -4.73 17.20 13.36
CA PHE B 185 -4.93 17.60 11.94
C PHE B 185 -5.60 18.99 11.88
N MET B 186 -6.50 19.27 12.82
CA MET B 186 -7.39 20.48 12.80
C MET B 186 -6.61 21.75 13.19
N PHE B 187 -5.41 21.60 13.76
CA PHE B 187 -4.65 22.71 14.39
C PHE B 187 -3.69 23.33 13.37
N PRO B 188 -3.19 24.55 13.64
CA PRO B 188 -2.25 25.22 12.74
C PRO B 188 -0.87 24.53 12.76
N PHE B 189 -0.03 24.82 11.77
CA PHE B 189 1.28 24.19 11.53
C PHE B 189 2.00 23.89 12.86
N SER B 190 2.35 24.94 13.61
CA SER B 190 3.23 24.86 14.82
C SER B 190 2.66 23.88 15.85
N ILE B 191 1.42 24.11 16.29
CA ILE B 191 0.72 23.29 17.32
C ILE B 191 0.54 21.87 16.80
N LYS B 192 0.01 21.73 15.58
CA LYS B 192 -0.24 20.44 14.89
C LYS B 192 1.03 19.57 14.98
N ASN B 193 2.18 20.14 14.62
CA ASN B 193 3.46 19.38 14.47
C ASN B 193 4.04 19.07 15.85
N GLN B 194 3.83 19.96 16.83
CA GLN B 194 4.19 19.72 18.26
C GLN B 194 3.39 18.52 18.78
N MET B 195 2.11 18.45 18.42
CA MET B 195 1.17 17.37 18.85
C MET B 195 1.64 16.03 18.28
N TYR B 196 1.94 15.98 16.98
CA TYR B 196 2.39 14.74 16.27
C TYR B 196 3.71 14.26 16.88
N ASN B 197 4.63 15.19 17.20
CA ASN B 197 5.94 14.88 17.81
C ASN B 197 5.73 14.10 19.11
N ILE B 198 4.74 14.51 19.90
CA ILE B 198 4.44 13.89 21.24
C ILE B 198 3.58 12.64 21.04
N LEU B 199 2.54 12.72 20.20
CA LEU B 199 1.65 11.57 19.90
C LEU B 199 2.50 10.36 19.46
N ASP B 200 3.54 10.61 18.67
CA ASP B 200 4.47 9.56 18.15
C ASP B 200 5.16 8.87 19.35
N ILE B 201 5.47 9.64 20.41
CA ILE B 201 6.09 9.10 21.66
C ILE B 201 5.12 8.09 22.29
N PHE B 202 3.84 8.45 22.38
CA PHE B 202 2.78 7.62 23.01
C PHE B 202 2.47 6.39 22.15
N SER B 203 2.28 6.60 20.84
CA SER B 203 1.70 5.59 19.90
C SER B 203 2.76 4.57 19.49
N LYS B 204 4.02 5.02 19.40
CA LYS B 204 5.11 4.15 18.99
C LYS B 204 6.00 3.73 20.15
N ASN B 205 6.57 4.72 20.85
CA ASN B 205 7.68 4.46 21.75
C ASN B 205 7.18 3.90 23.10
N PHE B 206 6.04 4.38 23.62
CA PHE B 206 5.43 3.89 24.88
C PHE B 206 4.92 2.46 24.68
N VAL B 207 4.45 2.15 23.46
CA VAL B 207 3.98 0.79 23.07
C VAL B 207 5.18 -0.16 23.09
N SER B 208 6.34 0.28 22.61
CA SER B 208 7.61 -0.50 22.64
C SER B 208 7.96 -0.83 24.10
N ILE B 209 7.87 0.15 25.00
CA ILE B 209 8.16 -0.05 26.45
C ILE B 209 7.18 -1.08 27.02
N PHE B 210 5.90 -0.99 26.63
CA PHE B 210 4.82 -1.91 27.06
C PHE B 210 5.19 -3.34 26.67
N PHE B 211 5.56 -3.55 25.40
CA PHE B 211 5.98 -4.88 24.87
C PHE B 211 7.19 -5.38 25.65
N PHE B 212 8.18 -4.50 25.88
CA PHE B 212 9.42 -4.82 26.62
C PHE B 212 9.08 -5.31 28.04
N ILE B 213 8.10 -4.66 28.70
CA ILE B 213 7.70 -4.99 30.09
C ILE B 213 6.96 -6.34 30.09
N VAL B 214 6.10 -6.58 29.09
CA VAL B 214 5.38 -7.89 28.94
C VAL B 214 6.43 -9.01 28.78
N ILE B 215 7.46 -8.78 27.96
CA ILE B 215 8.55 -9.77 27.69
C ILE B 215 9.30 -10.03 29.01
N LEU B 216 9.71 -8.96 29.71
CA LEU B 216 10.42 -9.05 31.01
C LEU B 216 9.60 -9.87 32.01
N ASN B 217 8.28 -9.69 32.01
CA ASN B 217 7.34 -10.36 32.96
C ASN B 217 7.19 -11.83 32.56
N GLN B 218 7.16 -12.12 31.26
CA GLN B 218 7.09 -13.52 30.73
C GLN B 218 8.42 -14.22 30.98
N SER B 219 9.54 -13.51 30.83
CA SER B 219 10.91 -14.02 31.12
C SER B 219 11.00 -14.46 32.58
N TYR B 220 10.59 -13.59 33.51
CA TYR B 220 10.62 -13.84 34.98
C TYR B 220 9.87 -15.14 35.29
N LYS B 221 8.66 -15.30 34.75
CA LYS B 221 7.78 -16.49 34.97
C LYS B 221 8.50 -17.75 34.48
N LEU B 222 9.24 -17.65 33.37
CA LEU B 222 10.04 -18.77 32.79
C LEU B 222 11.04 -19.26 33.85
C1 LFA C . -6.07 18.47 -7.28
C2 LFA C . -7.27 17.66 -6.86
C3 LFA C . -6.96 16.25 -6.45
C4 LFA C . -8.14 15.49 -5.88
C5 LFA C . -8.08 14.00 -6.07
C6 LFA C . -8.64 13.53 -7.40
C7 LFA C . -8.89 12.05 -7.48
C8 LFA C . -8.77 11.47 -8.88
C9 LFA C . -9.40 10.11 -9.04
C10 LFA C . -8.41 8.96 -8.97
C11 LFA C . -9.05 7.60 -8.96
C12 LFA C . -9.11 6.94 -7.59
C13 LFA C . -10.02 5.75 -7.52
C14 LFA C . -11.28 5.98 -6.71
C15 LFA C . -12.00 4.72 -6.31
C16 LFA C . -12.06 4.49 -4.83
C1 RET D . 7.68 6.34 -12.68
C2 RET D . 8.82 7.22 -12.17
C3 RET D . 10.05 7.17 -13.06
C4 RET D . 10.62 5.77 -13.04
C5 RET D . 9.54 4.78 -13.43
C6 RET D . 8.19 5.02 -13.29
C7 RET D . 7.25 3.98 -13.71
C8 RET D . 5.89 4.12 -13.61
C9 RET D . 5.02 3.04 -14.04
C10 RET D . 3.62 3.15 -13.97
C11 RET D . 2.73 2.14 -14.40
C12 RET D . 1.40 2.55 -14.47
C13 RET D . 0.33 1.78 -14.98
C14 RET D . -0.98 2.29 -14.95
C15 RET D . -2.13 1.64 -15.39
C16 RET D . 6.82 5.98 -11.47
C17 RET D . 6.84 7.06 -13.74
C18 RET D . 10.03 3.47 -14.01
C19 RET D . 5.61 1.76 -14.61
C20 RET D . 0.59 0.37 -15.52
C1 LFA E . 12.77 3.59 4.66
C2 LFA E . 12.40 5.05 4.55
C3 LFA E . 11.49 5.53 5.65
C4 LFA E . 11.61 7.00 6.00
C5 LFA E . 10.36 7.80 5.76
C6 LFA E . 10.43 9.22 6.23
C7 LFA E . 11.77 9.89 6.03
C8 LFA E . 11.71 11.23 5.34
C9 LFA E . 12.27 11.23 3.94
C10 LFA E . 12.23 12.58 3.25
C11 LFA E . 11.75 12.53 1.83
C12 LFA E . 10.94 13.73 1.42
C13 LFA E . 11.74 14.99 1.22
C14 LFA E . 11.07 16.04 0.36
C15 LFA E . 10.46 17.18 1.13
C16 LFA E . 10.97 18.54 0.71
C1 RET F . -5.59 11.90 9.58
C2 RET F . -6.59 12.74 8.79
C3 RET F . -7.77 13.21 9.62
C4 RET F . -8.58 12.00 10.03
C5 RET F . -7.67 11.01 10.74
C6 RET F . -6.32 10.95 10.57
C7 RET F . -5.59 9.93 11.33
C8 RET F . -4.24 9.75 11.28
C9 RET F . -3.65 8.71 12.09
C10 RET F . -2.27 8.48 12.10
C11 RET F . -1.63 7.50 12.89
C12 RET F . -0.24 7.68 12.91
C13 RET F . 0.68 6.92 13.68
C14 RET F . 2.07 7.19 13.62
C15 RET F . 3.07 6.50 14.29
C16 RET F . -4.83 11.02 8.58
C17 RET F . -4.62 12.80 10.33
C18 RET F . -8.34 10.03 11.70
C19 RET F . -4.55 7.84 12.97
C20 RET F . 0.17 5.81 14.59
#